data_5GSF
#
_entry.id   5GSF
#
_entity_poly.entity_id   1
_entity_poly.type   'polypeptide(L)'
_entity_poly.pdbx_seq_one_letter_code
;CIPRGGICLVALSGCCNSPGCIFGICA
;
_entity_poly.pdbx_strand_id   A
#
# COMPACT_ATOMS: atom_id res chain seq x y z
N CYS A 1 9.03 -0.70 2.12
CA CYS A 1 9.08 -1.01 0.67
C CYS A 1 8.36 -2.33 0.37
N ILE A 2 7.26 -2.21 -0.37
CA ILE A 2 6.45 -3.38 -0.77
C ILE A 2 5.75 -3.13 -2.12
N PRO A 3 5.37 -4.22 -2.87
CA PRO A 3 4.71 -4.08 -4.18
C PRO A 3 3.20 -3.80 -4.09
N ARG A 4 2.60 -3.55 -5.26
CA ARG A 4 1.16 -3.27 -5.41
C ARG A 4 0.31 -4.45 -4.97
N GLY A 5 -0.60 -4.19 -4.02
CA GLY A 5 -1.47 -5.21 -3.49
C GLY A 5 -0.98 -5.75 -2.17
N GLY A 6 -0.34 -4.89 -1.37
CA GLY A 6 0.19 -5.30 -0.09
C GLY A 6 -0.19 -4.40 1.06
N ILE A 7 -1.46 -3.95 1.06
CA ILE A 7 -2.07 -3.07 2.11
C ILE A 7 -1.17 -1.88 2.53
N CYS A 8 -1.67 -0.65 2.34
CA CYS A 8 -0.91 0.55 2.69
C CYS A 8 -1.79 1.66 3.32
N LEU A 9 -3.11 1.47 3.33
CA LEU A 9 -4.03 2.46 3.91
C LEU A 9 -4.88 1.86 5.04
N VAL A 10 -4.99 0.53 5.04
CA VAL A 10 -5.78 -0.20 6.03
C VAL A 10 -4.96 -0.51 7.31
N ALA A 11 -3.66 -0.73 7.14
CA ALA A 11 -2.76 -1.03 8.26
C ALA A 11 -1.46 -0.24 8.18
N LEU A 12 -0.90 -0.16 6.98
CA LEU A 12 0.35 0.57 6.73
C LEU A 12 0.09 2.04 6.38
N SER A 13 1.17 2.79 6.13
CA SER A 13 1.08 4.20 5.79
C SER A 13 1.80 4.51 4.47
N GLY A 14 2.72 3.62 4.09
CA GLY A 14 3.48 3.80 2.86
C GLY A 14 4.12 2.51 2.37
N CYS A 15 4.44 2.48 1.07
CA CYS A 15 5.06 1.31 0.44
C CYS A 15 6.39 1.70 -0.23
N CYS A 16 6.76 0.99 -1.33
CA CYS A 16 8.00 1.25 -2.03
C CYS A 16 7.87 2.33 -3.13
N ASN A 17 7.07 2.06 -4.16
CA ASN A 17 6.90 3.01 -5.29
C ASN A 17 5.48 3.02 -5.89
N SER A 18 4.96 4.25 -6.14
CA SER A 18 3.65 4.49 -6.75
C SER A 18 2.52 3.83 -5.94
N PRO A 19 2.53 3.99 -4.59
CA PRO A 19 1.53 3.37 -3.75
C PRO A 19 0.40 4.31 -3.29
N GLY A 20 -0.75 4.23 -3.99
CA GLY A 20 -1.92 5.03 -3.65
C GLY A 20 -2.53 4.66 -2.31
N CYS A 21 -2.32 3.39 -1.87
CA CYS A 21 -2.83 2.87 -0.58
C CYS A 21 -4.34 3.00 -0.46
N ILE A 22 -5.02 1.84 -0.54
CA ILE A 22 -6.47 1.78 -0.44
C ILE A 22 -6.86 0.82 0.70
N PHE A 23 -8.14 0.44 0.79
CA PHE A 23 -8.61 -0.44 1.86
C PHE A 23 -8.41 -1.93 1.52
N GLY A 24 -7.32 -2.50 2.06
CA GLY A 24 -7.04 -3.92 1.87
C GLY A 24 -6.01 -4.24 0.80
N ILE A 25 -5.25 -3.24 0.31
CA ILE A 25 -4.22 -3.45 -0.75
C ILE A 25 -3.46 -2.14 -1.01
N CYS A 26 -2.14 -2.25 -1.21
CA CYS A 26 -1.31 -1.09 -1.51
C CYS A 26 -1.40 -0.75 -3.01
N ALA A 27 -2.13 0.34 -3.33
CA ALA A 27 -2.35 0.82 -4.72
C ALA A 27 -3.15 -0.20 -5.54
N CYS A 1 10.56 -2.92 2.12
CA CYS A 1 9.53 -2.25 1.29
C CYS A 1 8.64 -3.30 0.60
N ILE A 2 7.44 -2.87 0.21
CA ILE A 2 6.47 -3.76 -0.45
C ILE A 2 5.97 -3.17 -1.79
N PRO A 3 5.49 -4.04 -2.74
CA PRO A 3 4.98 -3.60 -4.05
C PRO A 3 3.50 -3.16 -4.00
N ARG A 4 2.77 -3.38 -5.10
CA ARG A 4 1.34 -3.02 -5.21
C ARG A 4 0.46 -4.22 -4.86
N GLY A 5 -0.42 -4.02 -3.89
CA GLY A 5 -1.32 -5.08 -3.45
C GLY A 5 -0.91 -5.66 -2.11
N GLY A 6 -0.29 -4.83 -1.26
CA GLY A 6 0.15 -5.29 0.04
C GLY A 6 -0.27 -4.39 1.20
N ILE A 7 -1.57 -4.01 1.21
CA ILE A 7 -2.20 -3.15 2.25
C ILE A 7 -1.35 -1.95 2.70
N CYS A 8 -1.86 -0.73 2.50
CA CYS A 8 -1.12 0.49 2.89
C CYS A 8 -2.02 1.60 3.47
N LEU A 9 -3.34 1.50 3.24
CA LEU A 9 -4.28 2.51 3.77
C LEU A 9 -5.15 1.91 4.88
N VAL A 10 -5.06 0.60 5.03
CA VAL A 10 -5.85 -0.13 6.03
C VAL A 10 -5.03 -0.45 7.30
N ALA A 11 -3.71 -0.54 7.16
CA ALA A 11 -2.81 -0.85 8.29
C ALA A 11 -1.48 -0.10 8.21
N LEU A 12 -0.88 -0.11 7.02
CA LEU A 12 0.42 0.53 6.78
C LEU A 12 0.24 2.02 6.45
N SER A 13 1.34 2.68 6.03
CA SER A 13 1.32 4.10 5.70
C SER A 13 1.88 4.38 4.31
N GLY A 14 2.81 3.53 3.86
CA GLY A 14 3.42 3.71 2.55
C GLY A 14 4.17 2.48 2.05
N CYS A 15 4.39 2.44 0.73
CA CYS A 15 5.10 1.32 0.09
C CYS A 15 6.13 1.87 -0.92
N CYS A 16 6.54 1.01 -1.89
CA CYS A 16 7.51 1.41 -2.93
C CYS A 16 6.83 2.20 -4.06
N ASN A 17 7.67 2.86 -4.90
CA ASN A 17 7.22 3.69 -6.05
C ASN A 17 6.02 4.62 -5.71
N SER A 18 4.93 4.55 -6.49
CA SER A 18 3.74 5.36 -6.25
C SER A 18 2.59 4.50 -5.70
N PRO A 19 2.59 4.23 -4.36
CA PRO A 19 1.55 3.43 -3.72
C PRO A 19 0.41 4.28 -3.15
N GLY A 20 -0.67 4.38 -3.92
CA GLY A 20 -1.86 5.14 -3.53
C GLY A 20 -2.49 4.69 -2.21
N CYS A 21 -2.31 3.40 -1.85
CA CYS A 21 -2.86 2.82 -0.59
C CYS A 21 -4.39 2.91 -0.54
N ILE A 22 -5.03 1.75 -0.60
CA ILE A 22 -6.48 1.65 -0.55
C ILE A 22 -6.88 0.70 0.59
N PHE A 23 -8.19 0.44 0.74
CA PHE A 23 -8.69 -0.43 1.81
C PHE A 23 -8.50 -1.92 1.49
N GLY A 24 -7.44 -2.51 2.04
CA GLY A 24 -7.17 -3.93 1.86
C GLY A 24 -6.06 -4.29 0.86
N ILE A 25 -5.31 -3.29 0.35
CA ILE A 25 -4.23 -3.52 -0.63
C ILE A 25 -3.47 -2.23 -0.90
N CYS A 26 -2.14 -2.32 -1.04
CA CYS A 26 -1.32 -1.15 -1.35
C CYS A 26 -1.34 -0.88 -2.87
N ALA A 27 -2.44 -0.25 -3.34
CA ALA A 27 -2.65 0.09 -4.78
C ALA A 27 -2.80 -1.18 -5.63
N CYS A 1 11.06 -2.22 1.11
CA CYS A 1 10.03 -1.85 0.10
C CYS A 1 8.99 -2.97 -0.06
N ILE A 2 7.70 -2.58 -0.05
CA ILE A 2 6.60 -3.53 -0.20
C ILE A 2 5.88 -3.33 -1.54
N PRO A 3 5.57 -4.43 -2.31
CA PRO A 3 4.89 -4.31 -3.62
C PRO A 3 3.45 -3.80 -3.51
N ARG A 4 2.88 -3.46 -4.67
CA ARG A 4 1.51 -2.95 -4.78
C ARG A 4 0.53 -4.07 -5.05
N GLY A 5 -0.51 -4.11 -4.22
CA GLY A 5 -1.52 -5.14 -4.30
C GLY A 5 -1.52 -5.97 -3.04
N GLY A 6 -0.94 -5.39 -1.98
CA GLY A 6 -0.85 -6.05 -0.70
C GLY A 6 -1.74 -5.42 0.36
N ILE A 7 -1.29 -4.28 0.91
CA ILE A 7 -2.02 -3.51 1.97
C ILE A 7 -1.22 -2.29 2.38
N CYS A 8 -1.90 -1.14 2.58
CA CYS A 8 -1.24 0.11 2.99
C CYS A 8 -2.17 1.05 3.74
N LEU A 9 -3.25 1.50 3.08
CA LEU A 9 -4.23 2.43 3.69
C LEU A 9 -5.07 1.77 4.81
N VAL A 10 -4.87 0.47 4.99
CA VAL A 10 -5.60 -0.30 5.99
C VAL A 10 -4.83 -0.39 7.33
N ALA A 11 -3.50 -0.47 7.25
CA ALA A 11 -2.64 -0.58 8.44
C ALA A 11 -1.36 0.25 8.33
N LEU A 12 -0.77 0.25 7.13
CA LEU A 12 0.48 0.98 6.87
C LEU A 12 0.20 2.45 6.50
N SER A 13 1.24 3.16 6.01
CA SER A 13 1.12 4.57 5.63
C SER A 13 1.55 4.79 4.18
N GLY A 14 2.49 3.96 3.72
CA GLY A 14 3.00 4.06 2.36
C GLY A 14 4.00 2.96 2.03
N CYS A 15 3.98 2.49 0.79
CA CYS A 15 4.88 1.43 0.33
C CYS A 15 5.98 2.01 -0.57
N CYS A 16 6.50 1.17 -1.50
CA CYS A 16 7.56 1.59 -2.42
C CYS A 16 6.99 2.31 -3.64
N ASN A 17 7.87 3.06 -4.35
CA ASN A 17 7.52 3.83 -5.59
C ASN A 17 6.21 4.65 -5.46
N SER A 18 5.18 4.28 -6.23
CA SER A 18 3.89 5.00 -6.21
C SER A 18 2.79 4.13 -5.55
N PRO A 19 2.71 4.14 -4.19
CA PRO A 19 1.70 3.39 -3.46
C PRO A 19 0.46 4.23 -3.09
N GLY A 20 -0.57 4.16 -3.93
CA GLY A 20 -1.81 4.90 -3.70
C GLY A 20 -2.48 4.56 -2.37
N CYS A 21 -2.29 3.30 -1.90
CA CYS A 21 -2.83 2.80 -0.63
C CYS A 21 -4.36 2.88 -0.57
N ILE A 22 -4.98 1.71 -0.51
CA ILE A 22 -6.43 1.59 -0.43
C ILE A 22 -6.78 0.64 0.72
N PHE A 23 -8.06 0.62 1.11
CA PHE A 23 -8.53 -0.22 2.22
C PHE A 23 -8.52 -1.72 1.85
N GLY A 24 -7.37 -2.37 2.12
CA GLY A 24 -7.25 -3.80 1.85
C GLY A 24 -6.08 -4.20 0.96
N ILE A 25 -5.40 -3.23 0.31
CA ILE A 25 -4.28 -3.54 -0.60
C ILE A 25 -3.50 -2.25 -0.94
N CYS A 26 -2.17 -2.34 -1.03
CA CYS A 26 -1.36 -1.18 -1.40
C CYS A 26 -1.47 -0.89 -2.90
N ALA A 27 -2.41 0.02 -3.25
CA ALA A 27 -2.70 0.42 -4.65
C ALA A 27 -3.36 -0.72 -5.43
N CYS A 1 9.49 -1.77 2.56
CA CYS A 1 9.31 -1.71 1.09
C CYS A 1 8.46 -2.90 0.60
N ILE A 2 7.25 -2.59 0.12
CA ILE A 2 6.34 -3.61 -0.39
C ILE A 2 5.72 -3.14 -1.73
N PRO A 3 5.69 -4.01 -2.79
CA PRO A 3 5.11 -3.62 -4.10
C PRO A 3 3.61 -3.31 -4.06
N ARG A 4 3.00 -3.13 -5.24
CA ARG A 4 1.57 -2.83 -5.38
C ARG A 4 0.75 -4.10 -5.31
N GLY A 5 -0.34 -4.04 -4.54
CA GLY A 5 -1.20 -5.19 -4.34
C GLY A 5 -0.90 -5.87 -3.02
N GLY A 6 -0.51 -5.05 -2.04
CA GLY A 6 -0.18 -5.54 -0.71
C GLY A 6 -1.15 -5.06 0.35
N ILE A 7 -0.84 -3.89 0.94
CA ILE A 7 -1.66 -3.26 2.01
C ILE A 7 -0.99 -1.97 2.48
N CYS A 8 -1.79 -0.89 2.67
CA CYS A 8 -1.23 0.39 3.12
C CYS A 8 -2.26 1.23 3.90
N LEU A 9 -3.34 1.65 3.24
CA LEU A 9 -4.39 2.48 3.88
C LEU A 9 -5.20 1.70 4.93
N VAL A 10 -4.85 0.44 5.13
CA VAL A 10 -5.54 -0.43 6.09
C VAL A 10 -4.76 -0.54 7.42
N ALA A 11 -3.43 -0.56 7.33
CA ALA A 11 -2.57 -0.68 8.52
C ALA A 11 -1.31 0.18 8.42
N LEU A 12 -0.73 0.25 7.22
CA LEU A 12 0.49 1.02 6.96
C LEU A 12 0.18 2.49 6.64
N SER A 13 1.20 3.21 6.11
CA SER A 13 1.05 4.62 5.75
C SER A 13 1.60 4.88 4.34
N GLY A 14 2.45 3.95 3.85
CA GLY A 14 3.03 4.07 2.53
C GLY A 14 3.94 2.91 2.18
N CYS A 15 3.66 2.26 1.06
CA CYS A 15 4.44 1.12 0.59
C CYS A 15 5.51 1.58 -0.42
N CYS A 16 6.09 0.63 -1.19
CA CYS A 16 7.11 0.95 -2.19
C CYS A 16 6.47 1.30 -3.54
N ASN A 17 7.29 1.85 -4.47
CA ASN A 17 6.83 2.26 -5.83
C ASN A 17 5.84 3.45 -5.73
N SER A 18 4.69 3.33 -6.40
CA SER A 18 3.65 4.36 -6.36
C SER A 18 2.44 3.80 -5.61
N PRO A 19 2.49 3.81 -4.24
CA PRO A 19 1.41 3.27 -3.42
C PRO A 19 0.35 4.29 -3.03
N GLY A 20 -0.74 4.31 -3.80
CA GLY A 20 -1.87 5.20 -3.54
C GLY A 20 -2.57 4.86 -2.21
N CYS A 21 -2.34 3.63 -1.73
CA CYS A 21 -2.90 3.12 -0.46
C CYS A 21 -4.42 3.10 -0.43
N ILE A 22 -4.96 1.89 -0.38
CA ILE A 22 -6.41 1.65 -0.30
C ILE A 22 -6.70 0.68 0.83
N PHE A 23 -7.97 0.33 1.03
CA PHE A 23 -8.37 -0.58 2.12
C PHE A 23 -8.10 -2.05 1.77
N GLY A 24 -6.87 -2.52 2.06
CA GLY A 24 -6.53 -3.92 1.81
C GLY A 24 -5.38 -4.16 0.84
N ILE A 25 -4.84 -3.11 0.19
CA ILE A 25 -3.75 -3.28 -0.80
C ILE A 25 -3.12 -1.92 -1.18
N CYS A 26 -1.78 -1.89 -1.42
CA CYS A 26 -1.11 -0.65 -1.84
C CYS A 26 -1.39 -0.40 -3.33
N ALA A 27 -2.36 0.51 -3.62
CA ALA A 27 -2.79 0.88 -4.99
C ALA A 27 -3.43 -0.31 -5.73
N CYS A 1 9.60 -3.39 2.96
CA CYS A 1 8.66 -2.65 2.08
C CYS A 1 7.83 -3.63 1.23
N ILE A 2 6.65 -3.16 0.79
CA ILE A 2 5.75 -3.98 -0.02
C ILE A 2 5.33 -3.26 -1.32
N PRO A 3 5.31 -3.98 -2.49
CA PRO A 3 4.92 -3.38 -3.79
C PRO A 3 3.38 -3.20 -3.91
N ARG A 4 2.84 -3.42 -5.11
CA ARG A 4 1.41 -3.30 -5.38
C ARG A 4 0.70 -4.62 -5.12
N GLY A 5 -0.35 -4.55 -4.31
CA GLY A 5 -1.11 -5.74 -3.96
C GLY A 5 -0.75 -6.24 -2.57
N GLY A 6 -0.56 -5.28 -1.66
CA GLY A 6 -0.21 -5.59 -0.30
C GLY A 6 -1.23 -5.08 0.70
N ILE A 7 -0.96 -3.87 1.25
CA ILE A 7 -1.82 -3.20 2.25
C ILE A 7 -1.16 -1.87 2.66
N CYS A 8 -1.95 -0.78 2.70
CA CYS A 8 -1.40 0.53 3.06
C CYS A 8 -2.39 1.45 3.78
N LEU A 9 -3.49 1.80 3.09
CA LEU A 9 -4.53 2.69 3.66
C LEU A 9 -5.30 2.02 4.80
N VAL A 10 -4.98 0.74 5.04
CA VAL A 10 -5.60 -0.04 6.09
C VAL A 10 -4.77 -0.04 7.38
N ALA A 11 -3.45 -0.20 7.24
CA ALA A 11 -2.52 -0.21 8.39
C ALA A 11 -1.12 0.30 8.04
N LEU A 12 -0.60 -0.11 6.89
CA LEU A 12 0.75 0.28 6.45
C LEU A 12 0.75 1.47 5.49
N SER A 13 0.50 2.68 6.03
CA SER A 13 0.48 3.90 5.22
C SER A 13 1.91 4.29 4.78
N GLY A 14 2.35 3.68 3.67
CA GLY A 14 3.68 3.95 3.13
C GLY A 14 4.33 2.70 2.54
N CYS A 15 4.00 2.39 1.29
CA CYS A 15 4.55 1.23 0.59
C CYS A 15 5.62 1.66 -0.43
N CYS A 16 6.06 0.73 -1.30
CA CYS A 16 7.09 1.01 -2.31
C CYS A 16 6.52 1.79 -3.51
N ASN A 17 7.44 2.36 -4.33
CA ASN A 17 7.11 3.17 -5.54
C ASN A 17 5.97 4.19 -5.29
N SER A 18 4.95 4.22 -6.16
CA SER A 18 3.80 5.11 -6.02
C SER A 18 2.56 4.32 -5.56
N PRO A 19 2.44 4.07 -4.22
CA PRO A 19 1.31 3.34 -3.68
C PRO A 19 0.16 4.24 -3.20
N GLY A 20 -0.85 4.37 -4.06
CA GLY A 20 -2.05 5.17 -3.76
C GLY A 20 -2.71 4.81 -2.43
N CYS A 21 -2.47 3.56 -1.96
CA CYS A 21 -3.00 3.05 -0.67
C CYS A 21 -4.52 3.01 -0.63
N ILE A 22 -5.04 1.78 -0.50
CA ILE A 22 -6.46 1.51 -0.40
C ILE A 22 -6.72 0.55 0.75
N PHE A 23 -7.99 0.35 1.11
CA PHE A 23 -8.36 -0.52 2.22
C PHE A 23 -8.15 -2.01 1.89
N GLY A 24 -6.91 -2.49 2.10
CA GLY A 24 -6.61 -3.90 1.86
C GLY A 24 -5.42 -4.17 0.93
N ILE A 25 -4.88 -3.13 0.24
CA ILE A 25 -3.75 -3.33 -0.71
C ILE A 25 -3.12 -1.99 -1.12
N CYS A 26 -1.79 -1.95 -1.30
CA CYS A 26 -1.10 -0.73 -1.75
C CYS A 26 -1.33 -0.49 -3.25
N ALA A 27 -2.12 0.54 -3.57
CA ALA A 27 -2.45 0.92 -4.97
C ALA A 27 -3.23 -0.17 -5.70
N CYS A 1 9.66 -0.92 1.96
CA CYS A 1 9.28 -1.12 0.54
C CYS A 1 8.45 -2.39 0.36
N ILE A 2 7.32 -2.25 -0.35
CA ILE A 2 6.43 -3.38 -0.62
C ILE A 2 5.81 -3.26 -2.03
N PRO A 3 5.30 -4.38 -2.64
CA PRO A 3 4.70 -4.35 -3.99
C PRO A 3 3.23 -3.89 -4.02
N ARG A 4 2.65 -3.90 -5.22
CA ARG A 4 1.24 -3.50 -5.47
C ARG A 4 0.28 -4.62 -5.05
N GLY A 5 -0.48 -4.34 -3.99
CA GLY A 5 -1.44 -5.30 -3.47
C GLY A 5 -1.02 -5.87 -2.13
N GLY A 6 -0.39 -5.04 -1.30
CA GLY A 6 0.07 -5.49 -0.01
C GLY A 6 -0.32 -4.57 1.14
N ILE A 7 -1.64 -4.30 1.25
CA ILE A 7 -2.25 -3.46 2.32
C ILE A 7 -1.43 -2.20 2.70
N CYS A 8 -2.01 -1.00 2.53
CA CYS A 8 -1.30 0.24 2.86
C CYS A 8 -2.19 1.29 3.55
N LEU A 9 -3.26 1.72 2.87
CA LEU A 9 -4.17 2.74 3.43
C LEU A 9 -5.03 2.18 4.59
N VAL A 10 -4.89 0.87 4.82
CA VAL A 10 -5.62 0.18 5.87
C VAL A 10 -4.81 0.15 7.19
N ALA A 11 -3.51 -0.16 7.08
CA ALA A 11 -2.62 -0.23 8.25
C ALA A 11 -1.17 0.10 7.93
N LEU A 12 -0.69 -0.41 6.79
CA LEU A 12 0.69 -0.21 6.35
C LEU A 12 0.83 0.99 5.39
N SER A 13 0.58 2.20 5.90
CA SER A 13 0.68 3.42 5.09
C SER A 13 2.15 3.79 4.82
N GLY A 14 2.61 3.41 3.63
CA GLY A 14 3.99 3.67 3.23
C GLY A 14 4.51 2.58 2.32
N CYS A 15 4.18 2.67 1.03
CA CYS A 15 4.60 1.69 0.03
C CYS A 15 5.98 2.02 -0.55
N CYS A 16 6.48 1.14 -1.44
CA CYS A 16 7.81 1.30 -2.06
C CYS A 16 7.87 2.43 -3.08
N ASN A 17 6.86 2.50 -3.94
CA ASN A 17 6.79 3.52 -5.00
C ASN A 17 5.64 4.53 -4.78
N SER A 18 4.78 4.71 -5.79
CA SER A 18 3.65 5.64 -5.73
C SER A 18 2.39 4.91 -6.22
N PRO A 19 1.89 3.93 -5.42
CA PRO A 19 0.74 3.11 -5.78
C PRO A 19 -0.62 3.75 -5.43
N GLY A 20 -0.67 4.54 -4.35
CA GLY A 20 -1.91 5.17 -3.95
C GLY A 20 -2.42 4.73 -2.59
N CYS A 21 -2.24 3.44 -2.24
CA CYS A 21 -2.69 2.87 -0.95
C CYS A 21 -4.21 2.94 -0.80
N ILE A 22 -4.82 1.77 -0.75
CA ILE A 22 -6.28 1.65 -0.60
C ILE A 22 -6.58 0.77 0.62
N PHE A 23 -7.84 0.76 1.04
CA PHE A 23 -8.27 0.00 2.22
C PHE A 23 -8.22 -1.53 1.99
N GLY A 24 -7.05 -2.12 2.28
CA GLY A 24 -6.89 -3.56 2.15
C GLY A 24 -5.82 -4.03 1.15
N ILE A 25 -5.12 -3.08 0.47
CA ILE A 25 -4.10 -3.45 -0.54
C ILE A 25 -3.35 -2.20 -1.02
N CYS A 26 -2.03 -2.32 -1.22
CA CYS A 26 -1.22 -1.22 -1.74
C CYS A 26 -1.45 -1.06 -3.26
N ALA A 27 -2.56 -0.37 -3.60
CA ALA A 27 -3.00 -0.13 -5.00
C ALA A 27 -3.43 -1.43 -5.69
N CYS A 1 8.49 -2.40 2.32
CA CYS A 1 8.48 -2.10 0.87
C CYS A 1 7.61 -3.10 0.11
N ILE A 2 6.52 -2.59 -0.47
CA ILE A 2 5.60 -3.43 -1.25
C ILE A 2 5.03 -2.65 -2.46
N PRO A 3 5.30 -3.10 -3.72
CA PRO A 3 4.81 -2.43 -4.95
C PRO A 3 3.28 -2.27 -5.03
N ARG A 4 2.59 -3.33 -5.49
CA ARG A 4 1.14 -3.33 -5.67
C ARG A 4 0.57 -4.72 -5.38
N GLY A 5 -0.37 -4.78 -4.43
CA GLY A 5 -1.01 -6.05 -4.09
C GLY A 5 -0.78 -6.48 -2.65
N GLY A 6 -0.39 -5.51 -1.81
CA GLY A 6 -0.15 -5.82 -0.41
C GLY A 6 -1.19 -5.22 0.53
N ILE A 7 -0.82 -4.10 1.16
CA ILE A 7 -1.68 -3.39 2.14
C ILE A 7 -0.97 -2.10 2.58
N CYS A 8 -1.72 -1.00 2.74
CA CYS A 8 -1.12 0.27 3.16
C CYS A 8 -2.12 1.18 3.91
N LEU A 9 -3.17 1.62 3.23
CA LEU A 9 -4.19 2.51 3.83
C LEU A 9 -5.02 1.80 4.91
N VAL A 10 -4.73 0.53 5.14
CA VAL A 10 -5.43 -0.28 6.12
C VAL A 10 -4.63 -0.43 7.44
N ALA A 11 -3.29 -0.40 7.32
CA ALA A 11 -2.41 -0.53 8.50
C ALA A 11 -1.18 0.36 8.41
N LEU A 12 -0.57 0.40 7.22
CA LEU A 12 0.64 1.19 6.97
C LEU A 12 0.28 2.63 6.56
N SER A 13 1.29 3.38 6.06
CA SER A 13 1.10 4.76 5.62
C SER A 13 1.64 4.94 4.21
N GLY A 14 2.72 4.22 3.91
CA GLY A 14 3.35 4.27 2.60
C GLY A 14 4.06 2.98 2.25
N CYS A 15 4.05 2.65 0.96
CA CYS A 15 4.68 1.43 0.46
C CYS A 15 6.07 1.74 -0.15
N CYS A 16 6.56 0.85 -1.04
CA CYS A 16 7.89 1.02 -1.66
C CYS A 16 7.91 2.13 -2.72
N ASN A 17 6.89 2.14 -3.57
CA ASN A 17 6.76 3.13 -4.64
C ASN A 17 5.59 4.10 -4.35
N SER A 18 4.95 4.63 -5.42
CA SER A 18 3.82 5.54 -5.30
C SER A 18 2.54 4.83 -5.76
N PRO A 19 1.94 3.98 -4.87
CA PRO A 19 0.74 3.21 -5.19
C PRO A 19 -0.60 3.90 -4.88
N GLY A 20 -0.62 4.73 -3.84
CA GLY A 20 -1.85 5.42 -3.46
C GLY A 20 -2.43 4.93 -2.15
N CYS A 21 -2.21 3.63 -1.82
CA CYS A 21 -2.70 3.01 -0.57
C CYS A 21 -4.23 2.97 -0.51
N ILE A 22 -4.76 1.75 -0.49
CA ILE A 22 -6.21 1.51 -0.40
C ILE A 22 -6.48 0.62 0.81
N PHE A 23 -7.77 0.40 1.13
CA PHE A 23 -8.16 -0.41 2.28
C PHE A 23 -8.01 -1.92 1.99
N GLY A 24 -6.77 -2.42 2.14
CA GLY A 24 -6.51 -3.84 1.93
C GLY A 24 -5.43 -4.19 0.92
N ILE A 25 -4.85 -3.19 0.22
CA ILE A 25 -3.81 -3.43 -0.81
C ILE A 25 -3.24 -2.10 -1.33
N CYS A 26 -1.93 -2.06 -1.61
CA CYS A 26 -1.30 -0.85 -2.16
C CYS A 26 -1.56 -0.76 -3.66
N ALA A 27 -2.29 0.31 -4.06
CA ALA A 27 -2.67 0.58 -5.47
C ALA A 27 -3.62 -0.49 -6.03
N CYS A 1 10.11 -2.67 2.50
CA CYS A 1 9.22 -2.06 1.47
C CYS A 1 8.36 -3.13 0.79
N ILE A 2 7.20 -2.71 0.28
CA ILE A 2 6.27 -3.63 -0.39
C ILE A 2 5.71 -3.04 -1.69
N PRO A 3 5.34 -3.90 -2.68
CA PRO A 3 4.78 -3.44 -3.96
C PRO A 3 3.25 -3.20 -3.92
N ARG A 4 2.62 -3.23 -5.11
CA ARG A 4 1.18 -3.02 -5.27
C ARG A 4 0.39 -4.26 -4.83
N GLY A 5 -0.47 -4.04 -3.83
CA GLY A 5 -1.30 -5.12 -3.30
C GLY A 5 -0.76 -5.67 -1.99
N GLY A 6 -0.23 -4.78 -1.15
CA GLY A 6 0.32 -5.19 0.14
C GLY A 6 -0.29 -4.47 1.33
N ILE A 7 -1.41 -3.76 1.09
CA ILE A 7 -2.14 -2.99 2.15
C ILE A 7 -1.27 -1.82 2.62
N CYS A 8 -1.80 -0.59 2.51
CA CYS A 8 -1.07 0.62 2.92
C CYS A 8 -1.97 1.68 3.56
N LEU A 9 -3.28 1.58 3.35
CA LEU A 9 -4.22 2.55 3.93
C LEU A 9 -4.99 1.95 5.11
N VAL A 10 -5.09 0.62 5.11
CA VAL A 10 -5.83 -0.11 6.15
C VAL A 10 -4.88 -0.70 7.22
N ALA A 11 -3.59 -0.84 6.89
CA ALA A 11 -2.62 -1.43 7.82
C ALA A 11 -1.32 -0.63 7.91
N LEU A 12 -0.74 -0.32 6.76
CA LEU A 12 0.52 0.43 6.68
C LEU A 12 0.28 1.93 6.48
N SER A 13 1.33 2.66 6.06
CA SER A 13 1.25 4.11 5.82
C SER A 13 1.84 4.49 4.46
N GLY A 14 2.76 3.67 3.97
CA GLY A 14 3.39 3.91 2.68
C GLY A 14 4.24 2.74 2.19
N CYS A 15 4.27 2.54 0.86
CA CYS A 15 5.03 1.45 0.26
C CYS A 15 6.02 2.00 -0.80
N CYS A 16 6.54 1.09 -1.64
CA CYS A 16 7.47 1.48 -2.72
C CYS A 16 6.70 1.80 -4.00
N ASN A 17 7.43 2.35 -5.01
CA ASN A 17 6.84 2.74 -6.32
C ASN A 17 5.79 3.87 -6.15
N SER A 18 4.60 3.68 -6.74
CA SER A 18 3.50 4.64 -6.63
C SER A 18 2.39 4.03 -5.77
N PRO A 19 2.54 4.07 -4.41
CA PRO A 19 1.57 3.48 -3.50
C PRO A 19 0.49 4.45 -3.01
N GLY A 20 -0.65 4.41 -3.70
CA GLY A 20 -1.80 5.25 -3.35
C GLY A 20 -2.49 4.82 -2.06
N CYS A 21 -2.33 3.52 -1.69
CA CYS A 21 -2.92 2.95 -0.46
C CYS A 21 -4.45 3.01 -0.47
N ILE A 22 -5.08 1.84 -0.57
CA ILE A 22 -6.54 1.75 -0.59
C ILE A 22 -7.04 0.75 0.46
N PHE A 23 -8.18 0.07 0.20
CA PHE A 23 -8.75 -0.88 1.16
C PHE A 23 -8.16 -2.30 1.05
N GLY A 24 -7.26 -2.61 1.98
CA GLY A 24 -6.64 -3.94 2.06
C GLY A 24 -5.67 -4.28 0.93
N ILE A 25 -5.02 -3.25 0.37
CA ILE A 25 -4.07 -3.41 -0.74
C ILE A 25 -3.36 -2.07 -0.99
N CYS A 26 -2.04 -2.14 -1.23
CA CYS A 26 -1.26 -0.94 -1.49
C CYS A 26 -1.29 -0.60 -2.98
N ALA A 27 -2.13 0.41 -3.35
CA ALA A 27 -2.32 0.88 -4.74
C ALA A 27 -2.95 -0.20 -5.62
N CYS A 1 10.62 -2.06 1.26
CA CYS A 1 9.72 -1.80 0.11
C CYS A 1 8.74 -2.95 -0.10
N ILE A 2 7.46 -2.60 -0.29
CA ILE A 2 6.40 -3.60 -0.53
C ILE A 2 5.79 -3.38 -1.92
N PRO A 3 5.60 -4.47 -2.75
CA PRO A 3 5.03 -4.36 -4.12
C PRO A 3 3.56 -3.91 -4.13
N ARG A 4 2.89 -4.14 -5.28
CA ARG A 4 1.48 -3.77 -5.49
C ARG A 4 0.57 -4.96 -5.23
N GLY A 5 -0.49 -4.71 -4.47
CA GLY A 5 -1.44 -5.76 -4.11
C GLY A 5 -1.18 -6.28 -2.72
N GLY A 6 -0.77 -5.37 -1.82
CA GLY A 6 -0.47 -5.73 -0.45
C GLY A 6 -1.47 -5.13 0.54
N ILE A 7 -1.11 -3.97 1.11
CA ILE A 7 -1.93 -3.24 2.11
C ILE A 7 -1.17 -2.01 2.59
N CYS A 8 -1.89 -0.90 2.85
CA CYS A 8 -1.26 0.34 3.31
C CYS A 8 -2.24 1.26 4.04
N LEU A 9 -3.27 1.74 3.32
CA LEU A 9 -4.29 2.65 3.91
C LEU A 9 -5.20 1.94 4.93
N VAL A 10 -5.01 0.63 5.07
CA VAL A 10 -5.80 -0.19 5.97
C VAL A 10 -5.08 -0.41 7.32
N ALA A 11 -3.74 -0.45 7.29
CA ALA A 11 -2.93 -0.67 8.51
C ALA A 11 -1.63 0.14 8.51
N LEU A 12 -0.95 0.16 7.36
CA LEU A 12 0.33 0.87 7.21
C LEU A 12 0.13 2.37 6.90
N SER A 13 1.19 3.03 6.41
CA SER A 13 1.13 4.45 6.07
C SER A 13 1.69 4.72 4.66
N GLY A 14 2.58 3.84 4.21
CA GLY A 14 3.18 3.97 2.89
C GLY A 14 3.95 2.74 2.46
N CYS A 15 4.18 2.62 1.14
CA CYS A 15 4.90 1.49 0.57
C CYS A 15 5.95 1.97 -0.45
N CYS A 16 6.41 1.08 -1.35
CA CYS A 16 7.40 1.42 -2.37
C CYS A 16 6.74 2.20 -3.50
N ASN A 17 7.55 3.03 -4.22
CA ASN A 17 7.09 3.88 -5.35
C ASN A 17 5.77 4.63 -5.01
N SER A 18 4.94 4.89 -6.02
CA SER A 18 3.67 5.59 -5.82
C SER A 18 2.50 4.60 -5.95
N PRO A 19 2.10 3.90 -4.84
CA PRO A 19 1.00 2.92 -4.88
C PRO A 19 -0.39 3.55 -4.64
N GLY A 20 -0.48 4.55 -3.77
CA GLY A 20 -1.75 5.17 -3.49
C GLY A 20 -2.31 4.81 -2.12
N CYS A 21 -2.08 3.55 -1.67
CA CYS A 21 -2.57 3.05 -0.37
C CYS A 21 -4.10 3.07 -0.34
N ILE A 22 -4.68 1.88 -0.43
CA ILE A 22 -6.12 1.72 -0.44
C ILE A 22 -6.55 0.80 0.71
N PHE A 23 -7.85 0.80 1.02
CA PHE A 23 -8.39 -0.01 2.12
C PHE A 23 -8.36 -1.52 1.80
N GLY A 24 -7.19 -2.14 2.03
CA GLY A 24 -7.05 -3.57 1.81
C GLY A 24 -5.89 -4.00 0.93
N ILE A 25 -5.17 -3.05 0.28
CA ILE A 25 -4.05 -3.38 -0.62
C ILE A 25 -3.31 -2.10 -1.06
N CYS A 26 -1.98 -2.16 -1.13
CA CYS A 26 -1.19 -1.01 -1.57
C CYS A 26 -1.08 -1.02 -3.10
N ALA A 27 -2.12 -0.43 -3.76
CA ALA A 27 -2.23 -0.34 -5.23
C ALA A 27 -2.40 -1.72 -5.87
N CYS A 1 9.31 -1.85 2.70
CA CYS A 1 9.06 -1.78 1.24
C CYS A 1 8.23 -2.96 0.76
N ILE A 2 7.13 -2.67 0.07
CA ILE A 2 6.23 -3.70 -0.46
C ILE A 2 5.66 -3.30 -1.83
N PRO A 3 5.23 -4.29 -2.68
CA PRO A 3 4.68 -3.99 -4.02
C PRO A 3 3.17 -3.68 -4.00
N ARG A 4 2.60 -3.50 -5.21
CA ARG A 4 1.18 -3.19 -5.41
C ARG A 4 0.30 -4.39 -5.03
N GLY A 5 -0.57 -4.17 -4.04
CA GLY A 5 -1.46 -5.21 -3.58
C GLY A 5 -0.99 -5.83 -2.27
N GLY A 6 -0.36 -5.01 -1.42
CA GLY A 6 0.14 -5.49 -0.13
C GLY A 6 -0.26 -4.63 1.05
N ILE A 7 -1.53 -4.20 1.06
CA ILE A 7 -2.13 -3.35 2.15
C ILE A 7 -1.28 -2.12 2.54
N CYS A 8 -1.88 -0.92 2.47
CA CYS A 8 -1.16 0.32 2.82
C CYS A 8 -2.04 1.34 3.53
N LEU A 9 -3.17 1.71 2.93
CA LEU A 9 -4.10 2.69 3.54
C LEU A 9 -4.85 2.12 4.74
N VAL A 10 -4.72 0.81 4.93
CA VAL A 10 -5.38 0.11 6.02
C VAL A 10 -4.47 -0.03 7.25
N ALA A 11 -3.17 -0.27 7.03
CA ALA A 11 -2.21 -0.43 8.14
C ALA A 11 -0.79 0.00 7.78
N LEU A 12 -0.33 -0.39 6.59
CA LEU A 12 1.03 -0.09 6.14
C LEU A 12 1.08 1.15 5.21
N SER A 13 0.93 2.33 5.81
CA SER A 13 0.94 3.61 5.06
C SER A 13 2.30 3.91 4.40
N GLY A 14 3.34 3.16 4.79
CA GLY A 14 4.68 3.37 4.22
C GLY A 14 5.04 2.31 3.19
N CYS A 15 4.39 2.40 2.01
CA CYS A 15 4.63 1.46 0.90
C CYS A 15 5.69 2.01 -0.06
N CYS A 16 6.18 1.15 -0.98
CA CYS A 16 7.21 1.54 -1.96
C CYS A 16 6.62 2.15 -3.24
N ASN A 17 7.53 2.72 -4.09
CA ASN A 17 7.20 3.37 -5.39
C ASN A 17 6.01 4.37 -5.27
N SER A 18 5.04 4.29 -6.21
CA SER A 18 3.86 5.16 -6.20
C SER A 18 2.65 4.36 -5.70
N PRO A 19 2.49 4.24 -4.34
CA PRO A 19 1.40 3.49 -3.75
C PRO A 19 0.23 4.37 -3.29
N GLY A 20 -0.81 4.42 -4.13
CA GLY A 20 -2.03 5.16 -3.80
C GLY A 20 -2.66 4.74 -2.47
N CYS A 21 -2.39 3.46 -2.06
CA CYS A 21 -2.89 2.89 -0.79
C CYS A 21 -4.41 2.94 -0.67
N ILE A 22 -5.01 1.76 -0.58
CA ILE A 22 -6.46 1.62 -0.44
C ILE A 22 -6.77 0.70 0.74
N PHE A 23 -8.07 0.41 0.96
CA PHE A 23 -8.49 -0.44 2.07
C PHE A 23 -8.26 -1.94 1.79
N GLY A 24 -7.10 -2.45 2.24
CA GLY A 24 -6.78 -3.86 2.09
C GLY A 24 -5.75 -4.20 1.00
N ILE A 25 -5.07 -3.19 0.42
CA ILE A 25 -4.06 -3.43 -0.64
C ILE A 25 -3.30 -2.15 -0.98
N CYS A 26 -1.97 -2.27 -1.15
CA CYS A 26 -1.11 -1.14 -1.53
C CYS A 26 -1.30 -0.79 -3.01
N ALA A 27 -2.11 0.25 -3.27
CA ALA A 27 -2.41 0.74 -4.65
C ALA A 27 -3.17 -0.32 -5.47
N CYS A 1 9.98 -1.97 2.41
CA CYS A 1 9.47 -1.80 1.03
C CYS A 1 8.49 -2.92 0.66
N ILE A 2 7.35 -2.53 0.09
CA ILE A 2 6.32 -3.49 -0.33
C ILE A 2 5.69 -3.09 -1.66
N PRO A 3 5.37 -4.06 -2.57
CA PRO A 3 4.75 -3.77 -3.87
C PRO A 3 3.23 -3.60 -3.82
N ARG A 4 2.66 -3.16 -4.97
CA ARG A 4 1.22 -2.95 -5.16
C ARG A 4 0.40 -4.18 -4.77
N GLY A 5 -0.48 -3.99 -3.79
CA GLY A 5 -1.33 -5.06 -3.31
C GLY A 5 -0.84 -5.64 -2.00
N GLY A 6 -0.24 -4.76 -1.17
CA GLY A 6 0.28 -5.18 0.12
C GLY A 6 -0.30 -4.40 1.28
N ILE A 7 -1.43 -3.71 1.03
CA ILE A 7 -2.14 -2.88 2.04
C ILE A 7 -1.26 -1.68 2.47
N CYS A 8 -1.79 -0.47 2.30
CA CYS A 8 -1.05 0.75 2.66
C CYS A 8 -1.93 1.79 3.36
N LEU A 9 -3.26 1.62 3.28
CA LEU A 9 -4.19 2.55 3.92
C LEU A 9 -4.88 1.91 5.12
N VAL A 10 -5.00 0.58 5.08
CA VAL A 10 -5.66 -0.18 6.14
C VAL A 10 -4.65 -0.82 7.12
N ALA A 11 -3.38 -0.93 6.72
CA ALA A 11 -2.36 -1.54 7.57
C ALA A 11 -1.09 -0.70 7.68
N LEU A 12 -0.55 -0.29 6.53
CA LEU A 12 0.68 0.51 6.48
C LEU A 12 0.38 1.98 6.20
N SER A 13 1.39 2.74 5.73
CA SER A 13 1.23 4.17 5.42
C SER A 13 1.87 4.53 4.08
N GLY A 14 2.92 3.81 3.71
CA GLY A 14 3.62 4.05 2.45
C GLY A 14 4.44 2.87 1.98
N CYS A 15 4.33 2.55 0.69
CA CYS A 15 5.07 1.42 0.09
C CYS A 15 6.35 1.89 -0.60
N CYS A 16 6.95 1.01 -1.43
CA CYS A 16 8.21 1.30 -2.14
C CYS A 16 7.99 2.05 -3.46
N ASN A 17 6.95 1.66 -4.20
CA ASN A 17 6.63 2.27 -5.50
C ASN A 17 5.62 3.44 -5.33
N SER A 18 4.58 3.47 -6.19
CA SER A 18 3.53 4.50 -6.13
C SER A 18 2.32 3.93 -5.39
N PRO A 19 2.28 4.08 -4.03
CA PRO A 19 1.19 3.54 -3.24
C PRO A 19 0.05 4.53 -2.93
N GLY A 20 -1.00 4.45 -3.74
CA GLY A 20 -2.20 5.26 -3.51
C GLY A 20 -2.91 4.85 -2.23
N CYS A 21 -2.61 3.60 -1.76
CA CYS A 21 -3.16 3.02 -0.52
C CYS A 21 -4.69 3.05 -0.47
N ILE A 22 -5.30 1.86 -0.59
CA ILE A 22 -6.76 1.75 -0.56
C ILE A 22 -7.20 0.73 0.51
N PHE A 23 -8.32 0.03 0.28
CA PHE A 23 -8.85 -0.93 1.27
C PHE A 23 -8.22 -2.34 1.15
N GLY A 24 -7.25 -2.61 2.04
CA GLY A 24 -6.59 -3.91 2.11
C GLY A 24 -5.66 -4.23 0.95
N ILE A 25 -5.06 -3.18 0.36
CA ILE A 25 -4.13 -3.33 -0.77
C ILE A 25 -3.42 -2.00 -1.08
N CYS A 26 -2.12 -2.08 -1.34
CA CYS A 26 -1.30 -0.92 -1.68
C CYS A 26 -1.47 -0.57 -3.17
N ALA A 27 -2.31 0.46 -3.44
CA ALA A 27 -2.60 0.95 -4.81
C ALA A 27 -3.32 -0.10 -5.66
N CYS A 1 9.78 -2.94 2.59
CA CYS A 1 8.87 -2.26 1.63
C CYS A 1 8.04 -3.29 0.85
N ILE A 2 6.88 -2.86 0.35
CA ILE A 2 5.99 -3.74 -0.41
C ILE A 2 5.58 -3.13 -1.77
N PRO A 3 5.23 -3.98 -2.79
CA PRO A 3 4.81 -3.49 -4.11
C PRO A 3 3.29 -3.24 -4.20
N ARG A 4 2.72 -3.42 -5.41
CA ARG A 4 1.30 -3.22 -5.67
C ARG A 4 0.52 -4.50 -5.42
N GLY A 5 -0.50 -4.41 -4.56
CA GLY A 5 -1.33 -5.56 -4.22
C GLY A 5 -0.99 -6.12 -2.87
N GLY A 6 -0.67 -5.22 -1.93
CA GLY A 6 -0.32 -5.62 -0.58
C GLY A 6 -1.32 -5.13 0.45
N ILE A 7 -0.98 -3.99 1.08
CA ILE A 7 -1.81 -3.35 2.13
C ILE A 7 -1.11 -2.09 2.63
N CYS A 8 -1.84 -0.98 2.76
CA CYS A 8 -1.25 0.29 3.23
C CYS A 8 -2.26 1.19 3.95
N LEU A 9 -3.32 1.58 3.24
CA LEU A 9 -4.37 2.47 3.81
C LEU A 9 -5.18 1.76 4.91
N VAL A 10 -4.91 0.47 5.11
CA VAL A 10 -5.61 -0.33 6.11
C VAL A 10 -4.78 -0.50 7.40
N ALA A 11 -3.44 -0.46 7.27
CA ALA A 11 -2.54 -0.62 8.43
C ALA A 11 -1.29 0.25 8.34
N LEU A 12 -0.67 0.25 7.17
CA LEU A 12 0.57 1.02 6.93
C LEU A 12 0.27 2.49 6.55
N SER A 13 1.28 3.18 6.01
CA SER A 13 1.15 4.58 5.59
C SER A 13 1.75 4.82 4.20
N GLY A 14 2.69 3.95 3.82
CA GLY A 14 3.34 4.06 2.52
C GLY A 14 4.09 2.81 2.13
N CYS A 15 4.33 2.64 0.82
CA CYS A 15 5.05 1.48 0.28
C CYS A 15 6.10 1.92 -0.74
N CYS A 16 6.39 1.05 -1.73
CA CYS A 16 7.38 1.33 -2.78
C CYS A 16 6.77 2.13 -3.93
N ASN A 17 7.65 2.75 -4.75
CA ASN A 17 7.27 3.58 -5.93
C ASN A 17 6.09 4.53 -5.63
N SER A 18 5.00 4.44 -6.42
CA SER A 18 3.80 5.26 -6.22
C SER A 18 2.65 4.42 -5.67
N PRO A 19 2.63 4.16 -4.33
CA PRO A 19 1.58 3.37 -3.71
C PRO A 19 0.42 4.21 -3.15
N GLY A 20 -0.64 4.30 -3.95
CA GLY A 20 -1.84 5.06 -3.58
C GLY A 20 -2.48 4.67 -2.24
N CYS A 21 -2.28 3.40 -1.82
CA CYS A 21 -2.82 2.87 -0.55
C CYS A 21 -4.35 2.89 -0.51
N ILE A 22 -4.92 1.69 -0.48
CA ILE A 22 -6.37 1.51 -0.43
C ILE A 22 -6.70 0.54 0.70
N PHE A 23 -7.99 0.46 1.07
CA PHE A 23 -8.44 -0.41 2.17
C PHE A 23 -8.36 -1.91 1.78
N GLY A 24 -7.22 -2.53 2.07
CA GLY A 24 -7.05 -3.96 1.79
C GLY A 24 -5.85 -4.31 0.90
N ILE A 25 -5.19 -3.30 0.28
CA ILE A 25 -4.05 -3.54 -0.61
C ILE A 25 -3.33 -2.24 -0.92
N CYS A 26 -1.99 -2.26 -0.98
CA CYS A 26 -1.22 -1.05 -1.28
C CYS A 26 -1.16 -0.82 -2.80
N ALA A 27 -2.10 0.00 -3.30
CA ALA A 27 -2.21 0.36 -4.73
C ALA A 27 -2.57 -0.87 -5.59
N CYS A 1 9.92 -1.94 2.68
CA CYS A 1 9.39 -1.74 1.32
C CYS A 1 8.52 -2.92 0.89
N ILE A 2 7.35 -2.60 0.33
CA ILE A 2 6.41 -3.62 -0.15
C ILE A 2 5.82 -3.20 -1.50
N PRO A 3 5.33 -4.18 -2.34
CA PRO A 3 4.77 -3.87 -3.67
C PRO A 3 3.33 -3.34 -3.63
N ARG A 4 2.85 -2.91 -4.80
CA ARG A 4 1.49 -2.39 -5.00
C ARG A 4 0.52 -3.55 -5.23
N GLY A 5 -0.27 -3.81 -4.20
CA GLY A 5 -1.25 -4.89 -4.23
C GLY A 5 -1.19 -5.67 -2.93
N GLY A 6 -0.60 -5.03 -1.91
CA GLY A 6 -0.46 -5.63 -0.61
C GLY A 6 -1.35 -4.98 0.43
N ILE A 7 -0.94 -3.79 0.90
CA ILE A 7 -1.68 -3.00 1.92
C ILE A 7 -0.90 -1.71 2.23
N CYS A 8 -1.60 -0.57 2.39
CA CYS A 8 -0.95 0.72 2.69
C CYS A 8 -1.90 1.75 3.33
N LEU A 9 -3.22 1.52 3.27
CA LEU A 9 -4.19 2.46 3.87
C LEU A 9 -4.95 1.83 5.02
N VAL A 10 -4.89 0.50 5.10
CA VAL A 10 -5.60 -0.26 6.14
C VAL A 10 -4.66 -0.65 7.30
N ALA A 11 -3.36 -0.78 7.02
CA ALA A 11 -2.38 -1.17 8.04
C ALA A 11 -1.10 -0.33 7.97
N LEU A 12 -0.61 -0.11 6.76
CA LEU A 12 0.62 0.67 6.52
C LEU A 12 0.30 2.13 6.21
N SER A 13 1.33 2.89 5.78
CA SER A 13 1.16 4.31 5.45
C SER A 13 1.76 4.64 4.07
N GLY A 14 2.73 3.81 3.64
CA GLY A 14 3.38 4.03 2.35
C GLY A 14 4.20 2.82 1.91
N CYS A 15 4.30 2.63 0.59
CA CYS A 15 5.07 1.52 0.02
C CYS A 15 6.35 2.02 -0.66
N CYS A 16 7.01 1.13 -1.44
CA CYS A 16 8.27 1.46 -2.13
C CYS A 16 8.05 2.17 -3.48
N ASN A 17 7.03 1.73 -4.22
CA ASN A 17 6.72 2.30 -5.55
C ASN A 17 5.66 3.42 -5.42
N SER A 18 4.62 3.37 -6.27
CA SER A 18 3.53 4.36 -6.26
C SER A 18 2.34 3.78 -5.48
N PRO A 19 2.30 3.97 -4.14
CA PRO A 19 1.24 3.43 -3.30
C PRO A 19 0.04 4.36 -3.10
N GLY A 20 -0.99 4.16 -3.91
CA GLY A 20 -2.24 4.91 -3.77
C GLY A 20 -2.92 4.60 -2.44
N CYS A 21 -2.61 3.40 -1.89
CA CYS A 21 -3.11 2.91 -0.59
C CYS A 21 -4.63 2.95 -0.49
N ILE A 22 -5.22 1.76 -0.51
CA ILE A 22 -6.67 1.59 -0.41
C ILE A 22 -6.98 0.63 0.75
N PHE A 23 -8.26 0.29 0.94
CA PHE A 23 -8.67 -0.60 2.03
C PHE A 23 -8.42 -2.08 1.70
N GLY A 24 -7.26 -2.59 2.13
CA GLY A 24 -6.92 -3.99 1.92
C GLY A 24 -5.75 -4.26 0.97
N ILE A 25 -5.21 -3.22 0.30
CA ILE A 25 -4.10 -3.41 -0.66
C ILE A 25 -3.40 -2.09 -1.00
N CYS A 26 -2.07 -2.16 -1.19
CA CYS A 26 -1.26 -1.00 -1.57
C CYS A 26 -1.54 -0.63 -3.05
N ALA A 27 -2.30 0.47 -3.26
CA ALA A 27 -2.69 0.97 -4.60
C ALA A 27 -3.72 0.05 -5.27
N CYS A 1 8.99 -1.85 2.60
CA CYS A 1 8.64 -1.63 1.17
C CYS A 1 7.87 -2.82 0.61
N ILE A 2 6.73 -2.54 0.00
CA ILE A 2 5.88 -3.57 -0.61
C ILE A 2 5.39 -3.13 -2.00
N PRO A 3 5.17 -4.08 -2.97
CA PRO A 3 4.72 -3.74 -4.34
C PRO A 3 3.20 -3.50 -4.44
N ARG A 4 2.64 -3.79 -5.62
CA ARG A 4 1.21 -3.61 -5.91
C ARG A 4 0.44 -4.87 -5.57
N GLY A 5 -0.60 -4.72 -4.76
CA GLY A 5 -1.43 -5.84 -4.35
C GLY A 5 -1.03 -6.38 -3.00
N GLY A 6 -0.82 -5.45 -2.05
CA GLY A 6 -0.42 -5.81 -0.70
C GLY A 6 -1.37 -5.29 0.36
N ILE A 7 -1.02 -4.12 0.92
CA ILE A 7 -1.81 -3.42 1.98
C ILE A 7 -1.04 -2.19 2.44
N CYS A 8 -1.77 -1.09 2.72
CA CYS A 8 -1.13 0.15 3.17
C CYS A 8 -2.11 1.04 3.94
N LEU A 9 -3.07 1.67 3.26
CA LEU A 9 -4.07 2.58 3.87
C LEU A 9 -4.93 1.86 4.95
N VAL A 10 -4.75 0.54 5.05
CA VAL A 10 -5.47 -0.29 6.01
C VAL A 10 -4.77 -0.31 7.38
N ALA A 11 -3.43 -0.24 7.36
CA ALA A 11 -2.62 -0.25 8.59
C ALA A 11 -1.33 0.56 8.44
N LEU A 12 -0.66 0.37 7.31
CA LEU A 12 0.62 1.04 7.01
C LEU A 12 0.41 2.41 6.33
N SER A 13 1.53 3.02 5.92
CA SER A 13 1.56 4.31 5.24
C SER A 13 2.85 4.44 4.43
N GLY A 14 3.89 3.74 4.92
CA GLY A 14 5.19 3.75 4.26
C GLY A 14 5.30 2.66 3.22
N CYS A 15 4.59 2.84 2.11
CA CYS A 15 4.57 1.88 1.01
C CYS A 15 5.66 2.20 -0.02
N CYS A 16 6.03 1.19 -0.82
CA CYS A 16 7.06 1.34 -1.86
C CYS A 16 6.47 2.00 -3.11
N ASN A 17 7.34 2.65 -3.91
CA ASN A 17 6.94 3.36 -5.17
C ASN A 17 5.72 4.28 -4.96
N SER A 18 4.91 4.49 -6.01
CA SER A 18 3.73 5.33 -5.92
C SER A 18 2.47 4.48 -6.21
N PRO A 19 2.01 3.67 -5.21
CA PRO A 19 0.85 2.80 -5.38
C PRO A 19 -0.49 3.47 -5.07
N GLY A 20 -0.53 4.33 -4.04
CA GLY A 20 -1.78 4.98 -3.68
C GLY A 20 -2.26 4.66 -2.28
N CYS A 21 -1.99 3.42 -1.80
CA CYS A 21 -2.43 2.95 -0.47
C CYS A 21 -3.94 2.98 -0.34
N ILE A 22 -4.52 1.79 -0.36
CA ILE A 22 -5.97 1.62 -0.26
C ILE A 22 -6.30 0.69 0.90
N PHE A 23 -7.56 0.70 1.35
CA PHE A 23 -8.01 -0.14 2.46
C PHE A 23 -8.05 -1.63 2.09
N GLY A 24 -6.88 -2.28 2.12
CA GLY A 24 -6.81 -3.70 1.81
C GLY A 24 -5.69 -4.11 0.87
N ILE A 25 -5.02 -3.15 0.18
CA ILE A 25 -3.93 -3.46 -0.77
C ILE A 25 -3.27 -2.17 -1.26
N CYS A 26 -1.94 -2.19 -1.43
CA CYS A 26 -1.23 -1.03 -1.94
C CYS A 26 -1.26 -1.02 -3.47
N ALA A 27 -2.38 -0.50 -4.02
CA ALA A 27 -2.63 -0.40 -5.48
C ALA A 27 -2.75 -1.78 -6.13
N CYS A 1 8.82 -1.24 2.92
CA CYS A 1 8.75 -1.32 1.44
C CYS A 1 8.05 -2.60 0.99
N ILE A 2 7.00 -2.42 0.18
CA ILE A 2 6.22 -3.55 -0.34
C ILE A 2 5.60 -3.19 -1.72
N PRO A 3 5.25 -4.22 -2.57
CA PRO A 3 4.67 -3.97 -3.90
C PRO A 3 3.17 -3.65 -3.88
N ARG A 4 2.57 -3.55 -5.08
CA ARG A 4 1.13 -3.26 -5.26
C ARG A 4 0.27 -4.46 -4.85
N GLY A 5 -0.62 -4.23 -3.90
CA GLY A 5 -1.50 -5.28 -3.41
C GLY A 5 -1.01 -5.87 -2.10
N GLY A 6 -0.44 -5.03 -1.25
CA GLY A 6 0.07 -5.48 0.05
C GLY A 6 -0.42 -4.65 1.22
N ILE A 7 -1.50 -3.88 1.00
CA ILE A 7 -2.12 -2.99 2.02
C ILE A 7 -1.16 -1.86 2.41
N CYS A 8 -1.64 -0.61 2.31
CA CYS A 8 -0.81 0.55 2.65
C CYS A 8 -1.61 1.66 3.36
N LEU A 9 -2.94 1.55 3.41
CA LEU A 9 -3.78 2.55 4.08
C LEU A 9 -4.56 1.92 5.23
N VAL A 10 -4.75 0.61 5.17
CA VAL A 10 -5.50 -0.12 6.20
C VAL A 10 -4.55 -0.83 7.19
N ALA A 11 -3.27 -1.00 6.80
CA ALA A 11 -2.28 -1.67 7.64
C ALA A 11 -0.98 -0.87 7.73
N LEU A 12 -0.51 -0.39 6.59
CA LEU A 12 0.72 0.38 6.51
C LEU A 12 0.44 1.87 6.32
N SER A 13 1.51 2.63 6.03
CA SER A 13 1.45 4.07 5.81
C SER A 13 2.52 4.50 4.81
N GLY A 14 3.57 3.68 4.70
CA GLY A 14 4.67 3.95 3.78
C GLY A 14 5.02 2.76 2.93
N CYS A 15 4.43 2.70 1.73
CA CYS A 15 4.65 1.62 0.77
C CYS A 15 5.67 2.05 -0.29
N CYS A 16 6.15 1.08 -1.09
CA CYS A 16 7.15 1.36 -2.14
C CYS A 16 6.52 1.73 -3.48
N ASN A 17 7.34 2.32 -4.39
CA ASN A 17 6.92 2.76 -5.74
C ASN A 17 5.88 3.90 -5.67
N SER A 18 4.81 3.81 -6.49
CA SER A 18 3.72 4.78 -6.49
C SER A 18 2.49 4.14 -5.85
N PRO A 19 2.44 4.07 -4.49
CA PRO A 19 1.36 3.45 -3.77
C PRO A 19 0.28 4.40 -3.28
N GLY A 20 -0.82 4.46 -4.03
CA GLY A 20 -1.97 5.28 -3.63
C GLY A 20 -2.57 4.85 -2.29
N CYS A 21 -2.31 3.57 -1.88
CA CYS A 21 -2.79 2.98 -0.62
C CYS A 21 -4.31 3.07 -0.50
N ILE A 22 -4.99 1.93 -0.67
CA ILE A 22 -6.46 1.88 -0.60
C ILE A 22 -6.92 0.90 0.49
N PHE A 23 -8.09 0.27 0.29
CA PHE A 23 -8.65 -0.65 1.28
C PHE A 23 -8.11 -2.09 1.16
N GLY A 24 -7.14 -2.42 2.02
CA GLY A 24 -6.56 -3.75 2.08
C GLY A 24 -5.61 -4.10 0.94
N ILE A 25 -4.98 -3.08 0.34
CA ILE A 25 -4.04 -3.27 -0.78
C ILE A 25 -3.25 -2.00 -1.07
N CYS A 26 -1.94 -2.15 -1.31
CA CYS A 26 -1.04 -1.04 -1.64
C CYS A 26 -1.20 -0.68 -3.13
N ALA A 27 -2.12 0.28 -3.40
CA ALA A 27 -2.44 0.76 -4.76
C ALA A 27 -3.10 -0.33 -5.61
N CYS A 1 11.01 -1.82 0.78
CA CYS A 1 10.02 -1.60 -0.31
C CYS A 1 9.01 -2.74 -0.36
N ILE A 2 7.72 -2.37 -0.37
CA ILE A 2 6.62 -3.35 -0.41
C ILE A 2 5.90 -3.26 -1.77
N PRO A 3 5.40 -4.41 -2.34
CA PRO A 3 4.70 -4.42 -3.64
C PRO A 3 3.22 -3.99 -3.54
N ARG A 4 2.57 -3.93 -4.70
CA ARG A 4 1.14 -3.56 -4.83
C ARG A 4 0.24 -4.72 -4.42
N GLY A 5 -0.64 -4.44 -3.46
CA GLY A 5 -1.55 -5.46 -2.98
C GLY A 5 -1.13 -5.99 -1.62
N GLY A 6 -0.51 -5.12 -0.82
CA GLY A 6 -0.03 -5.50 0.50
C GLY A 6 -0.60 -4.64 1.62
N ILE A 7 -1.66 -3.86 1.32
CA ILE A 7 -2.35 -2.97 2.28
C ILE A 7 -1.42 -1.82 2.68
N CYS A 8 -1.92 -0.57 2.56
CA CYS A 8 -1.14 0.62 2.91
C CYS A 8 -2.01 1.74 3.50
N LEU A 9 -3.32 1.65 3.33
CA LEU A 9 -4.24 2.66 3.86
C LEU A 9 -5.07 2.11 5.02
N VAL A 10 -5.25 0.79 5.05
CA VAL A 10 -6.04 0.13 6.10
C VAL A 10 -5.18 -0.49 7.20
N ALA A 11 -3.90 -0.77 6.90
CA ALA A 11 -2.99 -1.38 7.88
C ALA A 11 -1.62 -0.70 7.91
N LEU A 12 -1.05 -0.49 6.73
CA LEU A 12 0.27 0.13 6.59
C LEU A 12 0.13 1.65 6.40
N SER A 13 1.24 2.32 6.02
CA SER A 13 1.25 3.78 5.82
C SER A 13 1.81 4.16 4.46
N GLY A 14 2.80 3.40 4.00
CA GLY A 14 3.42 3.67 2.71
C GLY A 14 4.24 2.49 2.18
N CYS A 15 4.37 2.43 0.84
CA CYS A 15 5.13 1.37 0.19
C CYS A 15 6.19 1.96 -0.75
N CYS A 16 6.61 1.17 -1.77
CA CYS A 16 7.61 1.59 -2.75
C CYS A 16 6.96 2.35 -3.91
N ASN A 17 7.80 3.04 -4.73
CA ASN A 17 7.37 3.85 -5.91
C ASN A 17 6.13 4.74 -5.60
N SER A 18 5.07 4.63 -6.40
CA SER A 18 3.84 5.42 -6.19
C SER A 18 2.70 4.54 -5.68
N PRO A 19 2.66 4.24 -4.35
CA PRO A 19 1.62 3.43 -3.75
C PRO A 19 0.47 4.26 -3.17
N GLY A 20 -0.60 4.37 -3.95
CA GLY A 20 -1.80 5.14 -3.56
C GLY A 20 -2.43 4.72 -2.24
N CYS A 21 -2.32 3.42 -1.86
CA CYS A 21 -2.89 2.88 -0.60
C CYS A 21 -4.42 3.00 -0.59
N ILE A 22 -5.09 1.85 -0.71
CA ILE A 22 -6.56 1.82 -0.73
C ILE A 22 -7.11 0.86 0.35
N PHE A 23 -8.26 0.21 0.08
CA PHE A 23 -8.88 -0.68 1.05
C PHE A 23 -8.33 -2.11 1.02
N GLY A 24 -7.46 -2.41 2.00
CA GLY A 24 -6.87 -3.76 2.15
C GLY A 24 -5.89 -4.16 1.06
N ILE A 25 -5.19 -3.17 0.48
CA ILE A 25 -4.21 -3.41 -0.60
C ILE A 25 -3.44 -2.12 -0.88
N CYS A 26 -2.12 -2.23 -1.06
CA CYS A 26 -1.29 -1.07 -1.36
C CYS A 26 -1.30 -0.76 -2.86
N ALA A 27 -2.09 0.27 -3.24
CA ALA A 27 -2.24 0.73 -4.64
C ALA A 27 -2.89 -0.34 -5.52
N CYS A 1 7.59 -1.13 3.21
CA CYS A 1 7.79 -1.20 1.74
C CYS A 1 7.18 -2.46 1.16
N ILE A 2 6.34 -2.28 0.13
CA ILE A 2 5.67 -3.38 -0.56
C ILE A 2 5.13 -2.94 -1.92
N PRO A 3 5.10 -3.84 -2.95
CA PRO A 3 4.56 -3.50 -4.26
C PRO A 3 3.02 -3.59 -4.32
N ARG A 4 2.45 -2.95 -5.35
CA ARG A 4 1.00 -2.92 -5.61
C ARG A 4 0.37 -4.32 -5.47
N GLY A 5 -0.56 -4.44 -4.52
CA GLY A 5 -1.24 -5.69 -4.26
C GLY A 5 -0.92 -6.19 -2.87
N GLY A 6 -0.59 -5.25 -1.99
CA GLY A 6 -0.24 -5.56 -0.62
C GLY A 6 -1.27 -5.04 0.37
N ILE A 7 -0.95 -3.91 1.00
CA ILE A 7 -1.80 -3.25 2.03
C ILE A 7 -1.10 -1.99 2.54
N CYS A 8 -1.84 -0.87 2.64
CA CYS A 8 -1.25 0.39 3.12
C CYS A 8 -2.27 1.29 3.83
N LEU A 9 -3.43 1.51 3.20
CA LEU A 9 -4.48 2.38 3.78
C LEU A 9 -5.29 1.67 4.87
N VAL A 10 -4.94 0.41 5.15
CA VAL A 10 -5.64 -0.38 6.15
C VAL A 10 -4.88 -0.43 7.49
N ALA A 11 -3.54 -0.46 7.41
CA ALA A 11 -2.68 -0.53 8.61
C ALA A 11 -1.43 0.34 8.50
N LEU A 12 -0.84 0.36 7.31
CA LEU A 12 0.40 1.13 7.06
C LEU A 12 0.09 2.59 6.71
N SER A 13 1.09 3.31 6.17
CA SER A 13 0.94 4.72 5.79
C SER A 13 1.47 4.95 4.37
N GLY A 14 2.39 4.09 3.94
CA GLY A 14 2.98 4.19 2.61
C GLY A 14 3.90 3.03 2.30
N CYS A 15 3.96 2.64 1.02
CA CYS A 15 4.82 1.54 0.59
C CYS A 15 5.91 2.02 -0.37
N CYS A 16 6.42 1.12 -1.24
CA CYS A 16 7.47 1.47 -2.18
C CYS A 16 6.91 1.94 -3.54
N ASN A 17 7.83 2.43 -4.40
CA ASN A 17 7.56 2.95 -5.77
C ASN A 17 6.31 3.86 -5.87
N SER A 18 5.14 3.27 -6.10
CA SER A 18 3.89 4.03 -6.23
C SER A 18 2.79 3.43 -5.32
N PRO A 19 2.75 3.84 -4.02
CA PRO A 19 1.77 3.34 -3.08
C PRO A 19 0.53 4.25 -2.93
N GLY A 20 -0.51 3.94 -3.72
CA GLY A 20 -1.77 4.70 -3.66
C GLY A 20 -2.53 4.46 -2.36
N CYS A 21 -2.28 3.29 -1.73
CA CYS A 21 -2.89 2.89 -0.44
C CYS A 21 -4.41 2.89 -0.50
N ILE A 22 -4.96 1.67 -0.45
CA ILE A 22 -6.40 1.45 -0.47
C ILE A 22 -6.74 0.47 0.66
N PHE A 23 -8.03 0.37 1.01
CA PHE A 23 -8.47 -0.51 2.09
C PHE A 23 -8.37 -2.00 1.71
N GLY A 24 -7.22 -2.61 2.05
CA GLY A 24 -7.01 -4.02 1.78
C GLY A 24 -5.86 -4.35 0.83
N ILE A 25 -5.21 -3.31 0.25
CA ILE A 25 -4.09 -3.52 -0.70
C ILE A 25 -3.42 -2.18 -1.03
N CYS A 26 -2.09 -2.17 -1.08
CA CYS A 26 -1.33 -0.96 -1.40
C CYS A 26 -1.34 -0.65 -2.89
N ALA A 27 -1.82 0.55 -3.25
CA ALA A 27 -1.90 1.02 -4.66
C ALA A 27 -2.93 0.23 -5.47
N CYS A 1 10.44 -2.64 2.46
CA CYS A 1 9.51 -2.00 1.49
C CYS A 1 8.69 -3.07 0.76
N ILE A 2 7.52 -2.67 0.26
CA ILE A 2 6.62 -3.58 -0.46
C ILE A 2 6.12 -2.95 -1.77
N PRO A 3 5.69 -3.79 -2.77
CA PRO A 3 5.16 -3.28 -4.05
C PRO A 3 3.71 -2.81 -3.91
N ARG A 4 2.91 -2.98 -4.96
CA ARG A 4 1.50 -2.57 -4.96
C ARG A 4 0.59 -3.78 -4.90
N GLY A 5 -0.33 -3.74 -3.93
CA GLY A 5 -1.26 -4.82 -3.71
C GLY A 5 -1.02 -5.52 -2.39
N GLY A 6 -0.30 -4.83 -1.49
CA GLY A 6 0.01 -5.39 -0.19
C GLY A 6 -0.30 -4.47 0.98
N ILE A 7 -1.58 -4.04 1.05
CA ILE A 7 -2.14 -3.16 2.11
C ILE A 7 -1.24 -1.97 2.51
N CYS A 8 -1.78 -0.73 2.39
CA CYS A 8 -1.03 0.48 2.74
C CYS A 8 -1.93 1.57 3.38
N LEU A 9 -3.25 1.45 3.23
CA LEU A 9 -4.18 2.44 3.82
C LEU A 9 -5.03 1.81 4.92
N VAL A 10 -5.02 0.48 4.98
CA VAL A 10 -5.79 -0.27 5.96
C VAL A 10 -4.97 -0.61 7.23
N ALA A 11 -3.66 -0.79 7.05
CA ALA A 11 -2.76 -1.13 8.16
C ALA A 11 -1.46 -0.35 8.12
N LEU A 12 -0.85 -0.29 6.91
CA LEU A 12 0.42 0.41 6.70
C LEU A 12 0.19 1.90 6.43
N SER A 13 1.27 2.62 6.08
CA SER A 13 1.20 4.06 5.81
C SER A 13 1.78 4.40 4.44
N GLY A 14 2.74 3.58 3.98
CA GLY A 14 3.37 3.80 2.69
C GLY A 14 4.17 2.61 2.20
N CYS A 15 4.33 2.52 0.87
CA CYS A 15 5.08 1.44 0.23
C CYS A 15 6.10 2.00 -0.75
N CYS A 16 6.63 1.14 -1.64
CA CYS A 16 7.58 1.56 -2.66
C CYS A 16 6.84 1.89 -3.96
N ASN A 17 7.56 2.49 -4.94
CA ASN A 17 6.98 2.90 -6.26
C ASN A 17 5.90 3.98 -6.06
N SER A 18 4.72 3.79 -6.69
CA SER A 18 3.60 4.72 -6.58
C SER A 18 2.46 4.06 -5.78
N PRO A 19 2.56 4.04 -4.42
CA PRO A 19 1.56 3.42 -3.57
C PRO A 19 0.45 4.37 -3.12
N GLY A 20 -0.65 4.32 -3.87
CA GLY A 20 -1.83 5.14 -3.56
C GLY A 20 -2.50 4.74 -2.25
N CYS A 21 -2.30 3.46 -1.83
CA CYS A 21 -2.85 2.91 -0.57
C CYS A 21 -4.38 3.01 -0.52
N ILE A 22 -5.01 1.84 -0.57
CA ILE A 22 -6.47 1.73 -0.51
C ILE A 22 -6.85 0.79 0.64
N PHE A 23 -8.15 0.67 0.91
CA PHE A 23 -8.65 -0.17 2.01
C PHE A 23 -8.55 -1.68 1.68
N GLY A 24 -7.43 -2.30 2.09
CA GLY A 24 -7.24 -3.73 1.87
C GLY A 24 -6.08 -4.12 0.96
N ILE A 25 -5.36 -3.14 0.38
CA ILE A 25 -4.24 -3.43 -0.55
C ILE A 25 -3.46 -2.15 -0.88
N CYS A 26 -2.13 -2.25 -1.02
CA CYS A 26 -1.30 -1.10 -1.39
C CYS A 26 -1.41 -0.83 -2.90
N ALA A 27 -2.64 -0.52 -3.36
CA ALA A 27 -2.96 -0.25 -4.78
C ALA A 27 -2.88 -1.53 -5.63
N CYS A 1 10.76 -2.78 1.36
CA CYS A 1 9.83 -2.30 0.31
C CYS A 1 8.75 -3.32 0.00
N ILE A 2 7.50 -2.85 -0.07
CA ILE A 2 6.36 -3.71 -0.38
C ILE A 2 5.72 -3.31 -1.71
N PRO A 3 5.58 -4.25 -2.70
CA PRO A 3 4.99 -3.94 -4.02
C PRO A 3 3.47 -3.71 -3.99
N ARG A 4 2.94 -3.27 -5.15
CA ARG A 4 1.51 -2.99 -5.34
C ARG A 4 0.63 -4.20 -5.01
N GLY A 5 -0.26 -4.00 -4.04
CA GLY A 5 -1.15 -5.06 -3.61
C GLY A 5 -0.73 -5.64 -2.28
N GLY A 6 -0.09 -4.80 -1.45
CA GLY A 6 0.39 -5.25 -0.16
C GLY A 6 -0.02 -4.33 0.99
N ILE A 7 -1.31 -3.94 1.01
CA ILE A 7 -1.93 -3.07 2.05
C ILE A 7 -1.09 -1.82 2.45
N CYS A 8 -1.73 -0.64 2.46
CA CYS A 8 -1.04 0.61 2.82
C CYS A 8 -1.98 1.69 3.41
N LEU A 9 -3.29 1.46 3.37
CA LEU A 9 -4.27 2.42 3.92
C LEU A 9 -5.15 1.77 4.99
N VAL A 10 -5.11 0.43 5.02
CA VAL A 10 -5.90 -0.35 5.97
C VAL A 10 -5.15 -0.57 7.30
N ALA A 11 -3.83 -0.75 7.21
CA ALA A 11 -2.98 -0.97 8.38
C ALA A 11 -1.67 -0.18 8.30
N LEU A 12 -1.09 -0.16 7.09
CA LEU A 12 0.18 0.52 6.85
C LEU A 12 -0.04 1.99 6.45
N SER A 13 1.09 2.68 6.23
CA SER A 13 1.13 4.09 5.82
C SER A 13 2.38 4.36 4.97
N GLY A 14 3.24 3.34 4.85
CA GLY A 14 4.47 3.47 4.09
C GLY A 14 4.72 2.30 3.14
N CYS A 15 4.55 2.56 1.85
CA CYS A 15 4.75 1.55 0.80
C CYS A 15 5.69 2.10 -0.27
N CYS A 16 6.26 1.20 -1.10
CA CYS A 16 7.20 1.62 -2.14
C CYS A 16 6.54 1.72 -3.52
N ASN A 17 7.26 2.39 -4.45
CA ASN A 17 6.81 2.63 -5.86
C ASN A 17 5.73 3.73 -5.91
N SER A 18 4.60 3.46 -6.58
CA SER A 18 3.48 4.41 -6.67
C SER A 18 2.31 3.86 -5.85
N PRO A 19 2.37 3.98 -4.49
CA PRO A 19 1.34 3.46 -3.61
C PRO A 19 0.27 4.47 -3.19
N GLY A 20 -0.86 4.43 -3.89
CA GLY A 20 -2.00 5.27 -3.55
C GLY A 20 -2.64 4.85 -2.22
N CYS A 21 -2.31 3.62 -1.76
CA CYS A 21 -2.80 3.04 -0.49
C CYS A 21 -4.33 3.07 -0.39
N ILE A 22 -4.92 1.88 -0.56
CA ILE A 22 -6.37 1.73 -0.47
C ILE A 22 -6.71 0.75 0.65
N PHE A 23 -8.00 0.55 0.91
CA PHE A 23 -8.46 -0.34 1.99
C PHE A 23 -8.28 -1.83 1.64
N GLY A 24 -7.11 -2.39 2.02
CA GLY A 24 -6.84 -3.80 1.79
C GLY A 24 -5.74 -4.12 0.78
N ILE A 25 -5.01 -3.10 0.28
CA ILE A 25 -3.93 -3.32 -0.72
C ILE A 25 -3.18 -2.01 -1.04
N CYS A 26 -1.84 -2.11 -1.17
CA CYS A 26 -1.00 -0.96 -1.53
C CYS A 26 -1.17 -0.64 -3.03
N ALA A 27 -2.09 0.30 -3.33
CA ALA A 27 -2.41 0.74 -4.71
C ALA A 27 -3.04 -0.39 -5.54
N CYS A 1 9.75 -2.05 2.14
CA CYS A 1 9.26 -1.93 0.74
C CYS A 1 8.26 -3.02 0.41
N ILE A 2 7.16 -2.62 -0.24
CA ILE A 2 6.10 -3.56 -0.64
C ILE A 2 5.55 -3.19 -2.03
N PRO A 3 5.24 -4.20 -2.91
CA PRO A 3 4.71 -3.93 -4.26
C PRO A 3 3.20 -3.62 -4.28
N ARG A 4 2.62 -3.56 -5.50
CA ARG A 4 1.20 -3.28 -5.72
C ARG A 4 0.33 -4.42 -5.20
N GLY A 5 -0.45 -4.11 -4.15
CA GLY A 5 -1.31 -5.09 -3.54
C GLY A 5 -0.73 -5.66 -2.26
N GLY A 6 -0.20 -4.76 -1.41
CA GLY A 6 0.40 -5.19 -0.16
C GLY A 6 -0.10 -4.42 1.06
N ILE A 7 -1.42 -4.12 1.07
CA ILE A 7 -2.13 -3.40 2.17
C ILE A 7 -1.37 -2.16 2.67
N CYS A 8 -2.05 -1.00 2.65
CA CYS A 8 -1.44 0.25 3.11
C CYS A 8 -2.42 1.13 3.89
N LEU A 9 -3.39 1.74 3.20
CA LEU A 9 -4.39 2.64 3.83
C LEU A 9 -5.25 1.91 4.90
N VAL A 10 -5.02 0.60 5.05
CA VAL A 10 -5.73 -0.23 6.01
C VAL A 10 -4.90 -0.42 7.30
N ALA A 11 -3.58 -0.52 7.14
CA ALA A 11 -2.65 -0.73 8.26
C ALA A 11 -1.36 0.06 8.10
N LEU A 12 -0.76 -0.05 6.91
CA LEU A 12 0.51 0.60 6.59
C LEU A 12 0.31 2.05 6.13
N SER A 13 1.40 2.67 5.68
CA SER A 13 1.40 4.06 5.18
C SER A 13 2.63 4.32 4.31
N GLY A 14 3.65 3.48 4.48
CA GLY A 14 4.89 3.62 3.73
C GLY A 14 5.12 2.49 2.75
N CYS A 15 4.77 2.73 1.48
CA CYS A 15 4.95 1.75 0.41
C CYS A 15 6.31 1.98 -0.29
N CYS A 16 6.68 1.08 -1.22
CA CYS A 16 7.95 1.17 -1.93
C CYS A 16 7.91 2.14 -3.12
N ASN A 17 6.79 2.11 -3.85
CA ASN A 17 6.60 2.96 -5.02
C ASN A 17 5.44 3.95 -4.79
N SER A 18 4.72 4.32 -5.86
CA SER A 18 3.58 5.24 -5.79
C SER A 18 2.31 4.46 -6.12
N PRO A 19 1.76 3.66 -5.16
CA PRO A 19 0.58 2.84 -5.37
C PRO A 19 -0.75 3.56 -5.10
N GLY A 20 -0.77 4.43 -4.08
CA GLY A 20 -2.00 5.12 -3.74
C GLY A 20 -2.50 4.80 -2.34
N CYS A 21 -2.23 3.56 -1.87
CA CYS A 21 -2.66 3.08 -0.54
C CYS A 21 -4.18 3.12 -0.41
N ILE A 22 -4.79 1.94 -0.47
CA ILE A 22 -6.25 1.81 -0.39
C ILE A 22 -6.62 0.83 0.74
N PHE A 23 -7.92 0.52 0.88
CA PHE A 23 -8.41 -0.36 1.93
C PHE A 23 -8.08 -1.85 1.66
N GLY A 24 -6.97 -2.30 2.25
CA GLY A 24 -6.56 -3.70 2.14
C GLY A 24 -5.63 -4.04 0.99
N ILE A 25 -4.89 -3.05 0.43
CA ILE A 25 -3.95 -3.29 -0.69
C ILE A 25 -3.25 -1.98 -1.10
N CYS A 26 -1.93 -2.07 -1.35
CA CYS A 26 -1.14 -0.94 -1.83
C CYS A 26 -1.26 -0.86 -3.36
N ALA A 27 -2.48 -0.51 -3.83
CA ALA A 27 -2.84 -0.41 -5.27
C ALA A 27 -2.94 -1.80 -5.92
#